data_6MRJ
#
_entry.id   6MRJ
#
_cell.length_a   72.370
_cell.length_b   94.180
_cell.length_c   204.060
_cell.angle_alpha   90.00
_cell.angle_beta   90.00
_cell.angle_gamma   90.00
#
_symmetry.space_group_name_H-M   'P 21 21 21'
#
loop_
_entity.id
_entity.type
_entity.pdbx_description
1 polymer 'Nickel-responsive regulator'
2 polymer 'DNA (36-MER)'
3 polymer 'DNA (36-MER)'
4 non-polymer 'NICKEL (II) ION'
5 non-polymer 'MAGNESIUM ION'
6 water water
#
loop_
_entity_poly.entity_id
_entity_poly.type
_entity_poly.pdbx_seq_one_letter_code
_entity_poly.pdbx_strand_id
1 'polypeptide(L)'
;MDTPNKDDSIIRFSVSLQQNLLDELDNRIIKNGYSSRSELVRDMIREKLVEDNWAEDNPNDESKIAVLVVIYDHHQRELN
QRMIDIQHASGTHVLCTTHIHMDEHNCLETIILQGNSFEIQRLQLEIGGLRGVKFAKLTKASSFEYNE
;
A,B,C,D
2 'polydeoxyribonucleotide'
;(DG)(DT)(DA)(DA)(DT)(DT)(DA)(DT)(DT)(DA)(DT)(DT)(DT)(DA)(DA)(DA)(DA)(DT)(DG)(DA)
(DA)(DT)(DT)(DA)(DG)(DT)(DG)(DT)(DT)(DA)(DT)(DA)(DT)(DC)(DT)(DG)
;
L
3 'polydeoxyribonucleotide'
;(DC)(DC)(DA)(DG)(DA)(DT)(DA)(DT)(DA)(DA)(DC)(DA)(DC)(DT)(DA)(DA)(DT)(DT)(DC)(DA)
(DT)(DT)(DT)(DT)(DA)(DA)(DA)(DT)(DA)(DA)(DT)(DA)(DA)(DT)(DT)(DA)
;
M
#
# COMPACT_ATOMS: atom_id res chain seq x y z
N ASP A 8 -30.04 23.23 25.22
CA ASP A 8 -30.97 23.73 26.23
C ASP A 8 -32.36 23.08 26.08
N SER A 9 -33.09 23.41 24.99
CA SER A 9 -34.42 22.90 24.62
C SER A 9 -34.28 21.71 23.67
N ILE A 10 -35.31 20.84 23.60
CA ILE A 10 -35.28 19.63 22.78
C ILE A 10 -35.67 19.93 21.32
N ILE A 11 -34.70 19.68 20.41
CA ILE A 11 -34.79 19.84 18.97
C ILE A 11 -34.57 18.48 18.27
N ARG A 12 -34.83 18.41 16.96
CA ARG A 12 -34.70 17.17 16.18
C ARG A 12 -33.79 17.30 14.95
N PHE A 13 -33.15 16.19 14.53
CA PHE A 13 -32.25 16.18 13.37
C PHE A 13 -32.34 14.86 12.61
N SER A 14 -32.29 14.95 11.27
CA SER A 14 -32.36 13.79 10.39
C SER A 14 -31.00 13.24 9.98
N VAL A 15 -30.94 11.91 9.75
CA VAL A 15 -29.73 11.20 9.33
C VAL A 15 -30.08 10.31 8.13
N SER A 16 -29.35 10.45 7.01
CA SER A 16 -29.55 9.60 5.84
C SER A 16 -28.56 8.43 5.84
N LEU A 17 -29.07 7.19 5.72
CA LEU A 17 -28.28 5.96 5.70
C LEU A 17 -29.00 4.78 5.05
N GLN A 18 -28.27 3.65 4.86
CA GLN A 18 -28.82 2.40 4.32
C GLN A 18 -29.77 1.79 5.34
N GLN A 19 -30.82 1.10 4.85
CA GLN A 19 -31.81 0.44 5.70
C GLN A 19 -31.14 -0.60 6.59
N ASN A 20 -30.24 -1.43 6.03
CA ASN A 20 -29.54 -2.45 6.80
C ASN A 20 -28.80 -1.87 8.00
N LEU A 21 -28.14 -0.70 7.82
CA LEU A 21 -27.40 -0.04 8.89
C LEU A 21 -28.30 0.45 10.03
N LEU A 22 -29.50 0.94 9.69
CA LEU A 22 -30.48 1.37 10.70
C LEU A 22 -31.02 0.15 11.43
N ASP A 23 -31.26 -0.95 10.68
CA ASP A 23 -31.71 -2.24 11.21
C ASP A 23 -30.67 -2.75 12.23
N GLU A 24 -29.37 -2.72 11.84
CA GLU A 24 -28.21 -3.09 12.65
C GLU A 24 -28.16 -2.29 13.96
N LEU A 25 -28.49 -0.98 13.89
CA LEU A 25 -28.56 -0.02 15.00
C LEU A 25 -29.73 -0.34 15.92
N ASP A 26 -30.94 -0.51 15.33
CA ASP A 26 -32.16 -0.82 16.05
C ASP A 26 -32.06 -2.08 16.90
N ASN A 27 -31.27 -3.09 16.44
CA ASN A 27 -31.02 -4.33 17.17
C ASN A 27 -30.26 -4.09 18.50
N ARG A 28 -29.49 -2.99 18.60
CA ARG A 28 -28.71 -2.66 19.81
C ARG A 28 -29.53 -2.04 20.97
N ILE A 29 -30.79 -1.58 20.74
CA ILE A 29 -31.61 -0.85 21.73
C ILE A 29 -31.98 -1.71 22.98
N ILE A 30 -32.98 -2.62 22.85
CA ILE A 30 -33.46 -3.47 23.95
C ILE A 30 -32.30 -4.31 24.54
N LYS A 31 -31.52 -4.92 23.65
CA LYS A 31 -30.33 -5.76 23.89
C LYS A 31 -29.32 -5.13 24.88
N ASN A 32 -29.23 -3.78 24.94
CA ASN A 32 -28.30 -3.05 25.82
C ASN A 32 -29.00 -2.21 26.93
N GLY A 33 -30.32 -2.29 27.02
CA GLY A 33 -31.12 -1.63 28.06
C GLY A 33 -31.59 -0.21 27.81
N TYR A 34 -32.03 0.08 26.58
CA TYR A 34 -32.49 1.42 26.20
C TYR A 34 -33.99 1.47 25.88
N SER A 35 -34.61 2.63 26.16
CA SER A 35 -36.03 2.91 25.96
C SER A 35 -36.40 3.31 24.51
N SER A 36 -35.55 4.11 23.85
CA SER A 36 -35.75 4.59 22.47
C SER A 36 -34.47 4.53 21.63
N ARG A 37 -34.60 4.76 20.31
CA ARG A 37 -33.49 4.82 19.37
C ARG A 37 -32.71 6.10 19.66
N SER A 38 -33.44 7.21 19.92
CA SER A 38 -32.89 8.51 20.25
C SER A 38 -31.98 8.44 21.49
N GLU A 39 -32.40 7.68 22.51
CA GLU A 39 -31.67 7.45 23.76
C GLU A 39 -30.27 6.90 23.48
N LEU A 40 -30.19 5.82 22.67
CA LEU A 40 -28.93 5.17 22.26
C LEU A 40 -28.04 6.13 21.46
N VAL A 41 -28.63 6.86 20.47
CA VAL A 41 -27.94 7.81 19.58
C VAL A 41 -27.31 8.93 20.42
N ARG A 42 -28.07 9.49 21.38
CA ARG A 42 -27.58 10.53 22.28
C ARG A 42 -26.38 10.02 23.08
N ASP A 43 -26.54 8.83 23.71
CA ASP A 43 -25.51 8.15 24.50
C ASP A 43 -24.25 7.89 23.69
N MET A 44 -24.42 7.52 22.40
CA MET A 44 -23.32 7.29 21.48
C MET A 44 -22.59 8.60 21.20
N ILE A 45 -23.35 9.69 20.96
CA ILE A 45 -22.80 11.04 20.73
C ILE A 45 -22.01 11.47 21.97
N ARG A 46 -22.61 11.29 23.16
CA ARG A 46 -21.96 11.57 24.45
C ARG A 46 -20.69 10.73 24.65
N GLU A 47 -20.68 9.47 24.19
CA GLU A 47 -19.53 8.57 24.25
C GLU A 47 -18.46 9.00 23.26
N LYS A 48 -18.84 9.44 22.06
CA LYS A 48 -17.87 9.88 21.05
C LYS A 48 -17.19 11.16 21.51
N LEU A 49 -18.00 12.13 22.00
CA LEU A 49 -17.52 13.43 22.46
C LEU A 49 -16.52 13.36 23.61
N VAL A 50 -16.56 12.30 24.44
CA VAL A 50 -15.63 12.16 25.56
C VAL A 50 -14.24 11.68 25.10
N GLU A 51 -14.14 10.59 24.31
CA GLU A 51 -12.85 10.04 23.84
C GLU A 51 -12.13 10.97 22.85
N ASP A 52 -12.89 11.82 22.12
CA ASP A 52 -12.35 12.78 21.16
C ASP A 52 -11.70 13.96 21.86
N ASN A 53 -12.12 14.27 23.10
CA ASN A 53 -11.59 15.35 23.94
C ASN A 53 -10.24 15.01 24.55
N TRP A 54 -10.12 13.82 25.20
CA TRP A 54 -8.86 13.36 25.81
C TRP A 54 -7.77 13.13 24.75
N ALA A 55 -8.17 12.75 23.51
CA ALA A 55 -7.25 12.57 22.39
C ALA A 55 -6.70 13.93 21.90
N GLU A 56 -7.56 14.98 21.92
CA GLU A 56 -7.26 16.36 21.50
C GLU A 56 -6.26 17.06 22.45
N ASP A 57 -6.43 16.85 23.77
CA ASP A 57 -5.59 17.42 24.84
C ASP A 57 -4.20 16.75 24.93
N ASN A 58 -3.37 17.14 25.95
CA ASN A 58 -1.99 16.68 26.24
C ASN A 58 -1.02 16.74 25.00
N PRO A 59 -0.89 17.89 24.29
CA PRO A 59 -0.01 17.89 23.10
C PRO A 59 1.47 18.20 23.38
N ASN A 60 2.28 17.13 23.57
CA ASN A 60 3.73 17.19 23.76
C ASN A 60 4.33 17.29 22.35
N ASP A 61 5.08 18.37 22.11
CA ASP A 61 5.65 18.68 20.79
C ASP A 61 6.93 17.85 20.47
N GLU A 62 6.93 16.56 20.89
CA GLU A 62 7.99 15.57 20.69
C GLU A 62 7.76 14.75 19.41
N SER A 63 8.84 14.15 18.85
CA SER A 63 8.77 13.32 17.65
C SER A 63 8.16 11.95 17.97
N LYS A 64 6.84 11.85 17.78
CA LYS A 64 6.08 10.63 17.99
C LYS A 64 5.79 9.92 16.67
N ILE A 65 5.65 8.60 16.73
CA ILE A 65 5.27 7.75 15.60
C ILE A 65 3.85 7.22 15.87
N ALA A 66 3.03 7.14 14.83
CA ALA A 66 1.65 6.64 14.97
C ALA A 66 1.24 5.78 13.79
N VAL A 67 0.27 4.89 14.01
CA VAL A 67 -0.27 4.01 12.98
C VAL A 67 -1.74 4.27 12.87
N LEU A 68 -2.21 4.57 11.67
CA LEU A 68 -3.63 4.78 11.43
C LEU A 68 -4.17 3.60 10.61
N VAL A 69 -5.11 2.85 11.20
CA VAL A 69 -5.72 1.70 10.55
C VAL A 69 -7.06 2.13 9.98
N VAL A 70 -7.21 2.02 8.66
CA VAL A 70 -8.42 2.39 7.95
C VAL A 70 -9.02 1.25 7.15
N ILE A 71 -10.36 1.28 7.00
CA ILE A 71 -11.13 0.35 6.18
C ILE A 71 -12.07 1.17 5.32
N TYR A 72 -12.02 0.95 4.01
CA TYR A 72 -12.86 1.66 3.07
C TYR A 72 -13.26 0.82 1.84
N ASP A 73 -14.29 1.30 1.13
CA ASP A 73 -14.75 0.67 -0.11
C ASP A 73 -14.08 1.39 -1.27
N HIS A 74 -13.25 0.68 -2.02
CA HIS A 74 -12.53 1.22 -3.17
C HIS A 74 -13.50 1.61 -4.30
N HIS A 75 -14.75 1.09 -4.27
CA HIS A 75 -15.77 1.42 -5.26
C HIS A 75 -16.24 2.89 -5.13
N GLN A 76 -16.06 3.49 -3.93
CA GLN A 76 -16.36 4.90 -3.68
C GLN A 76 -15.46 5.74 -4.61
N ARG A 77 -16.08 6.36 -5.62
CA ARG A 77 -15.47 7.17 -6.67
C ARG A 77 -14.31 8.06 -6.20
N GLU A 78 -13.09 7.72 -6.69
CA GLU A 78 -11.79 8.38 -6.46
C GLU A 78 -11.41 8.62 -4.98
N LEU A 79 -12.02 7.88 -4.02
CA LEU A 79 -11.72 7.95 -2.58
C LEU A 79 -10.22 7.67 -2.34
N ASN A 80 -9.69 6.66 -3.07
CA ASN A 80 -8.30 6.24 -3.01
C ASN A 80 -7.38 7.38 -3.43
N GLN A 81 -7.72 8.10 -4.52
CA GLN A 81 -6.98 9.26 -5.04
C GLN A 81 -6.91 10.33 -3.96
N ARG A 82 -8.09 10.72 -3.39
CA ARG A 82 -8.26 11.73 -2.33
C ARG A 82 -7.34 11.47 -1.13
N MET A 83 -7.35 10.23 -0.62
CA MET A 83 -6.50 9.77 0.48
C MET A 83 -5.02 9.99 0.20
N ILE A 84 -4.56 9.63 -1.02
CA ILE A 84 -3.15 9.79 -1.43
C ILE A 84 -2.81 11.29 -1.54
N ASP A 85 -3.77 12.12 -2.01
CA ASP A 85 -3.62 13.58 -2.12
C ASP A 85 -3.36 14.19 -0.73
N ILE A 86 -4.18 13.78 0.27
CA ILE A 86 -4.05 14.23 1.66
C ILE A 86 -2.66 13.87 2.21
N GLN A 87 -2.23 12.63 1.99
CA GLN A 87 -0.93 12.13 2.44
C GLN A 87 0.25 12.82 1.77
N HIS A 88 0.15 13.12 0.47
CA HIS A 88 1.22 13.83 -0.24
C HIS A 88 1.33 15.26 0.23
N ALA A 89 0.17 15.90 0.53
CA ALA A 89 0.05 17.27 1.04
C ALA A 89 0.86 17.50 2.35
N SER A 90 0.99 16.50 3.23
N SER A 90 1.05 16.46 3.17
CA SER A 90 1.78 16.69 4.46
CA SER A 90 1.87 16.46 4.39
C SER A 90 3.06 15.86 4.40
C SER A 90 2.83 15.24 4.32
N GLY A 91 4.07 16.43 3.73
N GLY A 91 3.57 15.17 3.20
CA GLY A 91 5.38 15.80 3.51
CA GLY A 91 4.48 14.09 2.80
C GLY A 91 6.13 15.43 4.77
C GLY A 91 5.59 13.66 3.74
N THR A 92 6.89 14.30 4.71
N THR A 92 6.28 14.64 4.37
CA THR A 92 7.72 13.69 5.78
CA THR A 92 7.40 14.42 5.32
C THR A 92 6.85 13.16 6.96
C THR A 92 6.98 13.53 6.52
N HIS A 93 5.57 13.56 7.02
N HIS A 93 5.70 13.66 6.93
CA HIS A 93 4.62 13.18 8.07
CA HIS A 93 5.11 12.96 8.06
C HIS A 93 3.97 11.80 7.83
C HIS A 93 4.80 11.49 7.80
N VAL A 94 4.19 11.20 6.64
CA VAL A 94 3.70 9.88 6.25
C VAL A 94 4.89 9.03 5.81
N LEU A 95 5.25 8.03 6.63
CA LEU A 95 6.39 7.16 6.35
C LEU A 95 6.12 6.20 5.20
N CYS A 96 5.01 5.45 5.25
CA CYS A 96 4.56 4.50 4.23
C CYS A 96 3.14 4.04 4.50
N THR A 97 2.54 3.33 3.52
CA THR A 97 1.19 2.76 3.62
C THR A 97 1.15 1.33 3.08
N THR A 98 0.63 0.40 3.90
CA THR A 98 0.45 -0.99 3.49
C THR A 98 -1.03 -1.24 3.28
N HIS A 99 -1.37 -1.71 2.08
CA HIS A 99 -2.74 -1.96 1.66
C HIS A 99 -3.04 -3.45 1.44
N ILE A 100 -4.20 -3.89 1.94
CA ILE A 100 -4.73 -5.24 1.81
C ILE A 100 -6.09 -5.15 1.14
N HIS A 101 -6.24 -5.84 -0.02
CA HIS A 101 -7.51 -5.91 -0.73
C HIS A 101 -8.25 -7.09 -0.10
N MET A 102 -9.13 -6.79 0.86
CA MET A 102 -9.84 -7.81 1.62
C MET A 102 -10.85 -8.58 0.79
N ASP A 103 -11.81 -7.87 0.21
CA ASP A 103 -12.87 -8.42 -0.65
C ASP A 103 -13.24 -7.35 -1.67
N GLU A 104 -14.32 -7.55 -2.44
CA GLU A 104 -14.76 -6.61 -3.47
C GLU A 104 -15.11 -5.24 -2.90
N HIS A 105 -15.66 -5.16 -1.68
CA HIS A 105 -16.03 -3.86 -1.10
C HIS A 105 -15.22 -3.45 0.12
N ASN A 106 -14.07 -4.11 0.38
CA ASN A 106 -13.23 -3.78 1.55
C ASN A 106 -11.73 -3.73 1.26
N CYS A 107 -11.11 -2.63 1.74
CA CYS A 107 -9.68 -2.31 1.65
C CYS A 107 -9.20 -2.03 3.04
N LEU A 108 -8.04 -2.59 3.43
CA LEU A 108 -7.42 -2.27 4.72
C LEU A 108 -6.11 -1.55 4.45
N GLU A 109 -5.89 -0.46 5.18
CA GLU A 109 -4.66 0.31 5.03
C GLU A 109 -4.09 0.63 6.39
N THR A 110 -2.78 0.55 6.51
CA THR A 110 -2.07 0.92 7.72
C THR A 110 -1.16 2.04 7.31
N ILE A 111 -1.47 3.24 7.78
CA ILE A 111 -0.71 4.44 7.45
C ILE A 111 0.20 4.78 8.63
N ILE A 112 1.51 4.67 8.42
CA ILE A 112 2.50 4.95 9.45
C ILE A 112 2.87 6.43 9.35
N LEU A 113 2.54 7.18 10.41
CA LEU A 113 2.75 8.64 10.53
C LEU A 113 3.85 9.01 11.53
N GLN A 114 4.50 10.18 11.30
CA GLN A 114 5.57 10.72 12.15
C GLN A 114 5.41 12.23 12.40
N GLY A 115 5.50 12.63 13.67
CA GLY A 115 5.41 14.02 14.08
C GLY A 115 4.86 14.28 15.47
N ASN A 116 4.68 15.57 15.78
CA ASN A 116 4.12 16.01 17.06
C ASN A 116 2.60 15.83 17.04
N SER A 117 2.02 15.70 18.24
CA SER A 117 0.59 15.49 18.48
C SER A 117 -0.33 16.27 17.55
N PHE A 118 -0.05 17.60 17.38
CA PHE A 118 -0.82 18.51 16.52
C PHE A 118 -0.78 18.14 15.05
N GLU A 119 0.43 17.94 14.49
CA GLU A 119 0.57 17.58 13.07
C GLU A 119 0.14 16.12 12.76
N ILE A 120 0.00 15.25 13.79
CA ILE A 120 -0.49 13.87 13.63
C ILE A 120 -2.03 13.85 13.58
N GLN A 121 -2.66 14.64 14.47
CA GLN A 121 -4.12 14.75 14.54
C GLN A 121 -4.68 15.40 13.29
N ARG A 122 -3.94 16.36 12.69
CA ARG A 122 -4.33 17.07 11.46
C ARG A 122 -4.55 16.08 10.32
N LEU A 123 -3.56 15.21 10.09
CA LEU A 123 -3.53 14.17 9.06
C LEU A 123 -4.55 13.04 9.29
N GLN A 124 -4.71 12.62 10.56
CA GLN A 124 -5.62 11.56 11.00
C GLN A 124 -7.08 11.86 10.66
N LEU A 125 -7.58 13.03 11.10
CA LEU A 125 -8.96 13.49 10.94
C LEU A 125 -9.36 13.74 9.49
N GLU A 126 -8.38 14.18 8.67
CA GLU A 126 -8.54 14.46 7.23
C GLU A 126 -8.90 13.22 6.40
N ILE A 127 -8.58 12.01 6.90
CA ILE A 127 -8.81 10.72 6.24
C ILE A 127 -10.05 10.00 6.76
N GLY A 128 -10.23 9.93 8.09
CA GLY A 128 -11.39 9.30 8.69
C GLY A 128 -12.70 9.99 8.35
N GLY A 129 -12.62 11.30 8.13
CA GLY A 129 -13.74 12.16 7.80
C GLY A 129 -14.33 11.91 6.43
N LEU A 130 -13.51 11.37 5.50
CA LEU A 130 -13.89 11.07 4.12
C LEU A 130 -15.08 10.12 3.99
N ARG A 131 -15.94 10.41 3.00
CA ARG A 131 -17.10 9.59 2.70
C ARG A 131 -16.60 8.31 2.03
N GLY A 132 -16.96 7.16 2.60
CA GLY A 132 -16.54 5.84 2.14
C GLY A 132 -15.61 5.17 3.12
N VAL A 133 -14.95 5.98 4.01
CA VAL A 133 -14.02 5.48 5.04
C VAL A 133 -14.89 5.01 6.19
N LYS A 134 -15.11 3.70 6.23
CA LYS A 134 -15.95 2.98 7.18
C LYS A 134 -15.35 2.86 8.58
N PHE A 135 -14.01 2.81 8.69
CA PHE A 135 -13.31 2.61 9.96
C PHE A 135 -11.98 3.33 9.97
N ALA A 136 -11.62 3.94 11.12
CA ALA A 136 -10.36 4.65 11.30
C ALA A 136 -9.96 4.67 12.76
N LYS A 137 -8.91 3.91 13.11
CA LYS A 137 -8.41 3.81 14.49
C LYS A 137 -6.93 4.11 14.55
N LEU A 138 -6.56 5.11 15.35
CA LEU A 138 -5.17 5.48 15.50
C LEU A 138 -4.52 4.76 16.67
N THR A 139 -3.24 4.51 16.52
CA THR A 139 -2.41 3.93 17.56
C THR A 139 -1.21 4.87 17.77
N LYS A 140 -1.15 5.58 18.92
CA LYS A 140 -0.05 6.51 19.24
C LYS A 140 1.07 5.74 19.94
N ALA A 141 2.31 6.27 19.90
CA ALA A 141 3.48 5.66 20.54
C ALA A 141 4.51 6.69 21.00
N ASP B 7 -31.70 -5.35 0.73
CA ASP B 7 -31.98 -4.42 -0.37
C ASP B 7 -31.03 -3.20 -0.33
N ASP B 8 -30.94 -2.47 -1.47
CA ASP B 8 -30.12 -1.28 -1.63
C ASP B 8 -31.05 -0.03 -1.69
N SER B 9 -31.32 0.56 -0.51
CA SER B 9 -32.16 1.76 -0.40
C SER B 9 -31.76 2.71 0.74
N ILE B 10 -31.58 3.99 0.39
CA ILE B 10 -31.22 5.05 1.35
C ILE B 10 -32.48 5.60 2.00
N ILE B 11 -32.53 5.49 3.32
CA ILE B 11 -33.64 5.94 4.18
C ILE B 11 -33.19 7.05 5.13
N ARG B 12 -34.15 7.73 5.76
CA ARG B 12 -33.89 8.81 6.72
C ARG B 12 -34.52 8.50 8.07
N PHE B 13 -34.10 9.21 9.15
CA PHE B 13 -34.65 9.07 10.50
C PHE B 13 -34.28 10.23 11.40
N SER B 14 -35.24 10.66 12.24
CA SER B 14 -35.05 11.79 13.16
C SER B 14 -34.60 11.36 14.56
N VAL B 15 -33.83 12.25 15.22
CA VAL B 15 -33.31 12.04 16.58
C VAL B 15 -33.67 13.26 17.44
N SER B 16 -34.32 13.02 18.58
CA SER B 16 -34.68 14.08 19.52
C SER B 16 -33.61 14.19 20.62
N LEU B 17 -33.09 15.41 20.83
CA LEU B 17 -32.07 15.72 21.85
C LEU B 17 -32.06 17.20 22.22
N GLN B 18 -31.27 17.57 23.24
CA GLN B 18 -31.11 18.96 23.66
C GLN B 18 -30.31 19.72 22.61
N GLN B 19 -30.62 21.03 22.41
CA GLN B 19 -29.96 21.90 21.44
C GLN B 19 -28.46 21.95 21.73
N ASN B 20 -28.09 22.14 23.02
CA ASN B 20 -26.69 22.21 23.46
C ASN B 20 -25.87 20.96 23.09
N LEU B 21 -26.50 19.76 23.09
CA LEU B 21 -25.83 18.51 22.69
C LEU B 21 -25.59 18.45 21.19
N LEU B 22 -26.54 18.94 20.37
CA LEU B 22 -26.37 18.95 18.92
C LEU B 22 -25.31 19.99 18.54
N ASP B 23 -25.31 21.14 19.24
CA ASP B 23 -24.36 22.23 19.06
C ASP B 23 -22.94 21.72 19.30
N GLU B 24 -22.66 21.10 20.47
CA GLU B 24 -21.33 20.58 20.78
C GLU B 24 -20.91 19.43 19.82
N LEU B 25 -21.90 18.70 19.26
CA LEU B 25 -21.64 17.66 18.26
C LEU B 25 -21.16 18.32 16.96
N ASP B 26 -21.89 19.32 16.43
CA ASP B 26 -21.54 20.03 15.20
C ASP B 26 -20.23 20.80 15.29
N ASN B 27 -19.78 21.11 16.52
CA ASN B 27 -18.52 21.79 16.78
C ASN B 27 -17.38 20.81 16.53
N ARG B 28 -17.53 19.54 16.97
CA ARG B 28 -16.52 18.52 16.71
C ARG B 28 -16.54 18.02 15.26
N ILE B 29 -17.65 18.24 14.51
CA ILE B 29 -17.75 17.86 13.10
C ILE B 29 -16.93 18.85 12.25
N ILE B 30 -16.92 20.14 12.64
CA ILE B 30 -16.13 21.18 11.96
C ILE B 30 -14.68 21.18 12.46
N LYS B 31 -14.47 21.11 13.81
CA LYS B 31 -13.15 21.10 14.46
C LYS B 31 -12.33 19.91 14.05
N ASN B 32 -12.98 18.77 13.71
CA ASN B 32 -12.30 17.56 13.26
C ASN B 32 -12.54 17.28 11.77
N GLY B 33 -13.35 18.13 11.12
CA GLY B 33 -13.63 18.08 9.69
C GLY B 33 -14.20 16.80 9.10
N TYR B 34 -15.31 16.29 9.67
CA TYR B 34 -15.99 15.10 9.13
C TYR B 34 -16.91 15.56 7.98
N SER B 35 -16.89 14.85 6.83
CA SER B 35 -17.65 15.18 5.60
C SER B 35 -19.11 15.59 5.84
N SER B 36 -19.81 14.84 6.72
CA SER B 36 -21.21 15.07 7.07
C SER B 36 -21.54 14.56 8.50
N ARG B 37 -22.71 14.96 9.04
CA ARG B 37 -23.19 14.51 10.35
C ARG B 37 -23.61 13.04 10.20
N SER B 38 -24.25 12.72 9.06
CA SER B 38 -24.70 11.38 8.71
C SER B 38 -23.53 10.41 8.66
N GLU B 39 -22.37 10.82 8.05
CA GLU B 39 -21.17 9.98 8.00
C GLU B 39 -20.73 9.61 9.40
N LEU B 40 -20.65 10.59 10.33
CA LEU B 40 -20.24 10.36 11.71
C LEU B 40 -21.17 9.39 12.43
N VAL B 41 -22.48 9.54 12.22
CA VAL B 41 -23.51 8.67 12.80
C VAL B 41 -23.31 7.25 12.28
N ARG B 42 -23.13 7.10 10.95
CA ARG B 42 -22.87 5.83 10.29
C ARG B 42 -21.58 5.20 10.86
N ASP B 43 -20.49 5.98 10.94
CA ASP B 43 -19.20 5.56 11.47
C ASP B 43 -19.27 5.11 12.92
N MET B 44 -20.09 5.79 13.78
CA MET B 44 -20.18 5.35 15.19
C MET B 44 -21.12 4.16 15.35
N ILE B 45 -21.99 3.93 14.34
CA ILE B 45 -22.81 2.71 14.32
C ILE B 45 -21.85 1.57 13.95
N ARG B 46 -21.04 1.77 12.87
CA ARG B 46 -20.05 0.81 12.37
C ARG B 46 -19.08 0.46 13.49
N GLU B 47 -18.63 1.49 14.24
CA GLU B 47 -17.69 1.37 15.36
C GLU B 47 -18.26 0.40 16.41
N LYS B 48 -19.52 0.63 16.79
CA LYS B 48 -20.24 -0.16 17.78
C LYS B 48 -20.47 -1.58 17.30
N LEU B 49 -20.77 -1.74 16.00
CA LEU B 49 -20.97 -3.03 15.36
C LEU B 49 -19.71 -3.91 15.36
N VAL B 50 -18.50 -3.30 15.23
CA VAL B 50 -17.22 -4.04 15.26
C VAL B 50 -16.96 -4.48 16.72
N GLU B 51 -17.25 -3.57 17.68
CA GLU B 51 -17.12 -3.86 19.11
C GLU B 51 -17.92 -5.14 19.45
N ASP B 52 -19.22 -5.16 19.07
CA ASP B 52 -20.18 -6.23 19.27
C ASP B 52 -19.68 -7.52 18.66
N ASN B 53 -19.22 -7.46 17.37
CA ASN B 53 -18.67 -8.60 16.62
C ASN B 53 -17.54 -9.31 17.40
N TRP B 54 -16.59 -8.51 17.92
CA TRP B 54 -15.43 -9.01 18.65
C TRP B 54 -15.79 -9.48 20.05
N ALA B 55 -16.57 -8.66 20.81
CA ALA B 55 -17.00 -8.99 22.19
C ALA B 55 -17.78 -10.31 22.23
N GLU B 56 -18.58 -10.60 21.17
CA GLU B 56 -19.30 -11.86 21.00
C GLU B 56 -18.24 -12.86 20.54
N ASP B 57 -17.48 -13.38 21.52
CA ASP B 57 -16.36 -14.28 21.31
C ASP B 57 -16.81 -15.65 20.83
N ASN B 58 -16.69 -15.88 19.51
CA ASN B 58 -17.04 -17.13 18.88
C ASN B 58 -15.90 -17.57 17.95
N PRO B 59 -15.29 -18.74 18.22
CA PRO B 59 -14.15 -19.20 17.39
C PRO B 59 -14.53 -19.68 15.98
N ASN B 60 -15.79 -19.46 15.60
CA ASN B 60 -16.39 -19.83 14.33
C ASN B 60 -16.01 -18.81 13.26
N ASP B 61 -16.25 -17.50 13.57
CA ASP B 61 -15.96 -16.33 12.72
C ASP B 61 -14.45 -16.23 12.52
N GLU B 62 -14.01 -16.52 11.30
CA GLU B 62 -12.59 -16.45 10.90
C GLU B 62 -12.35 -15.28 9.91
N SER B 63 -13.42 -14.50 9.63
CA SER B 63 -13.45 -13.31 8.75
C SER B 63 -12.87 -12.06 9.45
N LYS B 64 -12.61 -12.15 10.78
CA LYS B 64 -12.09 -11.05 11.60
C LYS B 64 -10.67 -10.64 11.19
N ILE B 65 -10.51 -9.33 10.90
CA ILE B 65 -9.21 -8.77 10.55
C ILE B 65 -8.73 -7.89 11.70
N ALA B 66 -7.43 -7.95 12.00
CA ALA B 66 -6.83 -7.15 13.07
C ALA B 66 -5.42 -6.71 12.69
N VAL B 67 -4.98 -5.60 13.31
CA VAL B 67 -3.64 -5.06 13.10
C VAL B 67 -2.97 -4.99 14.46
N LEU B 68 -1.78 -5.59 14.56
CA LEU B 68 -1.03 -5.55 15.80
C LEU B 68 0.17 -4.63 15.63
N VAL B 69 0.19 -3.54 16.42
CA VAL B 69 1.28 -2.55 16.38
C VAL B 69 2.27 -2.86 17.50
N VAL B 70 3.52 -3.13 17.14
CA VAL B 70 4.58 -3.49 18.09
C VAL B 70 5.77 -2.51 17.98
N ILE B 71 6.47 -2.29 19.12
CA ILE B 71 7.71 -1.52 19.20
C ILE B 71 8.70 -2.35 20.00
N TYR B 72 9.89 -2.59 19.44
CA TYR B 72 10.90 -3.41 20.10
C TYR B 72 12.34 -3.00 19.76
N ASP B 73 13.31 -3.49 20.54
CA ASP B 73 14.72 -3.27 20.30
C ASP B 73 15.26 -4.48 19.56
N HIS B 74 15.73 -4.24 18.32
CA HIS B 74 16.30 -5.27 17.46
CA HIS B 74 16.30 -5.27 17.46
C HIS B 74 17.56 -5.89 18.06
N HIS B 75 18.23 -5.14 18.98
CA HIS B 75 19.46 -5.57 19.66
C HIS B 75 19.23 -6.76 20.57
N GLN B 76 17.99 -6.90 21.09
CA GLN B 76 17.57 -8.01 21.94
C GLN B 76 17.78 -9.32 21.16
N ARG B 77 18.76 -10.12 21.58
CA ARG B 77 19.18 -11.36 20.92
C ARG B 77 18.02 -12.32 20.58
N GLU B 78 17.95 -12.73 19.29
CA GLU B 78 16.97 -13.65 18.69
C GLU B 78 15.48 -13.20 18.84
N LEU B 79 15.23 -11.90 19.21
CA LEU B 79 13.86 -11.39 19.37
C LEU B 79 13.13 -11.42 18.03
N ASN B 80 13.84 -11.06 16.95
CA ASN B 80 13.27 -11.07 15.61
C ASN B 80 13.00 -12.49 15.12
N GLN B 81 13.88 -13.45 15.46
CA GLN B 81 13.68 -14.87 15.07
C GLN B 81 12.42 -15.41 15.79
N ARG B 82 12.27 -15.10 17.10
CA ARG B 82 11.12 -15.56 17.89
C ARG B 82 9.82 -15.00 17.37
N MET B 83 9.75 -13.70 17.06
CA MET B 83 8.56 -13.05 16.50
C MET B 83 8.10 -13.69 15.17
N ILE B 84 9.05 -13.92 14.23
CA ILE B 84 8.77 -14.56 12.94
C ILE B 84 8.36 -16.03 13.18
N ASP B 85 8.98 -16.72 14.17
CA ASP B 85 8.62 -18.08 14.51
C ASP B 85 7.19 -18.14 15.00
N ILE B 86 6.77 -17.15 15.84
CA ILE B 86 5.44 -17.00 16.43
C ILE B 86 4.39 -16.87 15.32
N GLN B 87 4.70 -16.03 14.32
CA GLN B 87 3.87 -15.73 13.16
C GLN B 87 3.76 -16.89 12.19
N HIS B 88 4.87 -17.60 11.92
CA HIS B 88 4.82 -18.75 11.02
C HIS B 88 4.02 -19.89 11.65
N ALA B 89 4.17 -20.09 12.98
CA ALA B 89 3.50 -21.12 13.77
C ALA B 89 2.02 -20.87 13.91
N SER B 90 1.64 -19.58 13.97
CA SER B 90 0.28 -19.07 14.15
C SER B 90 -0.77 -19.68 13.22
N GLY B 91 -1.84 -20.15 13.87
CA GLY B 91 -3.03 -20.74 13.26
C GLY B 91 -3.80 -19.74 12.41
N THR B 92 -3.66 -18.44 12.76
CA THR B 92 -4.24 -17.34 12.00
C THR B 92 -3.49 -17.17 10.68
N HIS B 93 -4.06 -16.33 9.83
CA HIS B 93 -3.42 -16.01 8.59
C HIS B 93 -2.78 -14.65 8.79
N VAL B 94 -1.44 -14.68 8.93
CA VAL B 94 -0.63 -13.48 9.02
C VAL B 94 -0.50 -13.03 7.55
N LEU B 95 -1.20 -11.93 7.19
CA LEU B 95 -1.24 -11.44 5.82
C LEU B 95 0.10 -10.84 5.38
N CYS B 96 0.66 -9.92 6.19
CA CYS B 96 1.95 -9.27 5.96
C CYS B 96 2.37 -8.51 7.20
N THR B 97 3.66 -8.08 7.21
CA THR B 97 4.26 -7.29 8.28
C THR B 97 5.07 -6.14 7.69
N THR B 98 4.76 -4.89 8.11
CA THR B 98 5.49 -3.71 7.67
C THR B 98 6.35 -3.25 8.82
N HIS B 99 7.66 -3.14 8.57
CA HIS B 99 8.66 -2.75 9.54
C HIS B 99 9.29 -1.38 9.26
N ILE B 100 9.44 -0.56 10.30
CA ILE B 100 10.10 0.75 10.26
C ILE B 100 11.25 0.71 11.27
N HIS B 101 12.48 0.99 10.79
CA HIS B 101 13.67 1.08 11.63
C HIS B 101 13.70 2.52 12.10
N MET B 102 13.17 2.75 13.31
CA MET B 102 13.03 4.10 13.89
C MET B 102 14.37 4.74 14.22
N ASP B 103 15.17 4.07 15.08
CA ASP B 103 16.51 4.47 15.48
C ASP B 103 17.30 3.21 15.80
N GLU B 104 18.51 3.34 16.38
CA GLU B 104 19.36 2.21 16.70
C GLU B 104 18.71 1.20 17.67
N HIS B 105 17.88 1.68 18.61
CA HIS B 105 17.24 0.76 19.57
C HIS B 105 15.72 0.67 19.45
N ASN B 106 15.14 1.11 18.32
CA ASN B 106 13.69 1.07 18.13
C ASN B 106 13.24 0.61 16.72
N CYS B 107 12.27 -0.32 16.70
CA CYS B 107 11.66 -0.93 15.51
C CYS B 107 10.16 -0.91 15.64
N LEU B 108 9.47 -0.43 14.60
CA LEU B 108 8.01 -0.45 14.59
C LEU B 108 7.53 -1.48 13.58
N GLU B 109 6.55 -2.28 13.98
CA GLU B 109 5.98 -3.29 13.11
C GLU B 109 4.49 -3.27 13.18
N THR B 110 3.84 -3.43 12.03
CA THR B 110 2.37 -3.54 11.94
C THR B 110 2.15 -4.92 11.35
N ILE B 111 1.56 -5.81 12.16
CA ILE B 111 1.28 -7.17 11.76
C ILE B 111 -0.22 -7.29 11.46
N ILE B 112 -0.58 -7.48 10.14
CA ILE B 112 -1.95 -7.68 9.64
C ILE B 112 -2.32 -9.18 9.78
N LEU B 113 -3.36 -9.43 10.61
CA LEU B 113 -3.88 -10.76 10.97
C LEU B 113 -5.31 -10.96 10.56
N GLN B 114 -5.60 -12.17 10.11
CA GLN B 114 -6.96 -12.59 9.78
C GLN B 114 -7.23 -13.98 10.37
N GLY B 115 -8.32 -14.10 11.11
CA GLY B 115 -8.71 -15.36 11.72
C GLY B 115 -9.76 -15.16 12.77
N ASN B 116 -9.81 -16.07 13.75
CA ASN B 116 -10.78 -15.99 14.86
C ASN B 116 -10.16 -15.22 16.03
N SER B 117 -10.99 -14.51 16.78
CA SER B 117 -10.64 -13.67 17.93
C SER B 117 -9.57 -14.29 18.85
N PHE B 118 -9.76 -15.55 19.26
CA PHE B 118 -8.82 -16.26 20.13
C PHE B 118 -7.40 -16.36 19.54
N GLU B 119 -7.26 -16.89 18.32
CA GLU B 119 -5.94 -17.03 17.69
C GLU B 119 -5.22 -15.71 17.53
N ILE B 120 -5.98 -14.66 17.09
CA ILE B 120 -5.47 -13.29 16.90
C ILE B 120 -4.93 -12.74 18.19
N GLN B 121 -5.67 -12.97 19.29
CA GLN B 121 -5.27 -12.59 20.64
C GLN B 121 -4.13 -13.42 21.19
N ARG B 122 -4.04 -14.75 20.87
CA ARG B 122 -2.92 -15.57 21.37
C ARG B 122 -1.64 -14.98 20.79
N LEU B 123 -1.68 -14.61 19.48
CA LEU B 123 -0.56 -13.98 18.79
C LEU B 123 -0.17 -12.69 19.51
N GLN B 124 -1.14 -11.92 20.05
CA GLN B 124 -0.82 -10.71 20.82
C GLN B 124 -0.19 -11.11 22.15
N LEU B 125 -0.82 -12.04 22.88
CA LEU B 125 -0.33 -12.58 24.16
C LEU B 125 1.14 -12.98 24.03
N GLU B 126 1.45 -13.82 23.03
CA GLU B 126 2.79 -14.34 22.81
C GLU B 126 3.81 -13.28 22.46
N ILE B 127 3.58 -12.53 21.37
CA ILE B 127 4.46 -11.47 20.87
C ILE B 127 4.66 -10.35 21.92
N GLY B 128 3.57 -9.87 22.52
CA GLY B 128 3.63 -8.86 23.56
C GLY B 128 4.37 -9.31 24.82
N GLY B 129 4.30 -10.62 25.09
CA GLY B 129 4.93 -11.24 26.25
C GLY B 129 6.44 -11.31 26.16
N LEU B 130 6.98 -11.23 24.93
CA LEU B 130 8.42 -11.30 24.65
C LEU B 130 9.25 -10.21 25.32
N ARG B 131 10.48 -10.63 25.75
CA ARG B 131 11.48 -9.78 26.37
C ARG B 131 12.04 -8.90 25.24
N GLY B 132 11.95 -7.59 25.44
CA GLY B 132 12.41 -6.65 24.44
C GLY B 132 11.26 -5.94 23.75
N VAL B 133 10.04 -6.47 23.93
CA VAL B 133 8.84 -5.88 23.34
C VAL B 133 8.38 -4.78 24.27
N LYS B 134 8.67 -3.59 23.87
CA LYS B 134 8.35 -2.42 24.63
C LYS B 134 6.90 -2.02 24.54
N PHE B 135 6.22 -2.31 23.40
CA PHE B 135 4.83 -1.91 23.15
C PHE B 135 4.12 -2.89 22.22
N ALA B 136 2.84 -3.19 22.49
CA ALA B 136 2.01 -4.08 21.67
C ALA B 136 0.53 -3.73 21.85
N LYS B 137 -0.08 -3.15 20.81
CA LYS B 137 -1.49 -2.77 20.84
C LYS B 137 -2.22 -3.32 19.62
N LEU B 138 -3.29 -4.07 19.90
CA LEU B 138 -4.13 -4.70 18.87
C LEU B 138 -5.32 -3.85 18.49
N THR B 139 -5.50 -3.66 17.16
CA THR B 139 -6.60 -2.92 16.57
C THR B 139 -7.52 -3.96 15.97
N LYS B 140 -8.64 -4.18 16.67
CA LYS B 140 -9.71 -5.09 16.33
C LYS B 140 -10.60 -4.40 15.28
N ALA B 141 -10.51 -4.86 14.04
CA ALA B 141 -11.30 -4.30 12.96
C ALA B 141 -12.12 -5.41 12.26
N SER B 142 -12.84 -5.07 11.16
CA SER B 142 -13.68 -6.03 10.44
C SER B 142 -14.04 -5.50 9.06
N SER B 143 -14.47 -6.40 8.16
CA SER B 143 -14.96 -6.01 6.83
C SER B 143 -16.39 -5.52 7.00
N PHE B 144 -16.90 -4.76 6.03
CA PHE B 144 -18.27 -4.27 6.04
C PHE B 144 -18.89 -4.53 4.68
N GLU B 145 -20.14 -5.05 4.65
CA GLU B 145 -20.89 -5.30 3.43
C GLU B 145 -21.32 -3.98 2.75
N TYR B 146 -21.66 -4.03 1.44
CA TYR B 146 -22.08 -2.88 0.63
C TYR B 146 -23.07 -1.88 1.33
N ASN B 147 -24.02 -2.44 2.10
CA ASN B 147 -25.09 -1.74 2.79
C ASN B 147 -24.78 -1.47 4.27
N GLU B 148 -23.49 -1.60 4.65
CA GLU B 148 -23.03 -1.37 6.04
C GLU B 148 -22.19 -0.08 6.12
N ASP C 7 8.82 24.43 -25.82
CA ASP C 7 7.59 23.99 -25.16
C ASP C 7 7.35 22.48 -25.35
N ASP C 8 6.79 21.82 -24.32
CA ASP C 8 6.48 20.39 -24.39
C ASP C 8 5.05 20.14 -24.87
N SER C 9 4.97 19.58 -26.08
CA SER C 9 3.73 19.26 -26.79
C SER C 9 3.81 17.82 -27.31
N ILE C 10 2.64 17.24 -27.63
CA ILE C 10 2.53 15.86 -28.13
C ILE C 10 2.77 15.82 -29.64
N ILE C 11 3.83 15.11 -30.03
CA ILE C 11 4.26 14.91 -31.41
C ILE C 11 4.16 13.42 -31.80
N ARG C 12 4.23 13.13 -33.11
CA ARG C 12 4.14 11.77 -33.65
C ARG C 12 5.47 11.38 -34.30
N PHE C 13 5.60 10.10 -34.73
CA PHE C 13 6.76 9.56 -35.45
C PHE C 13 6.56 8.08 -35.82
N SER C 14 6.96 7.70 -37.04
CA SER C 14 6.82 6.33 -37.51
C SER C 14 8.08 5.48 -37.30
N VAL C 15 7.87 4.17 -37.16
CA VAL C 15 8.94 3.19 -36.94
C VAL C 15 8.86 2.09 -38.00
N SER C 16 9.98 1.85 -38.69
CA SER C 16 10.07 0.83 -39.73
C SER C 16 10.60 -0.48 -39.13
N LEU C 17 9.87 -1.58 -39.37
CA LEU C 17 10.22 -2.93 -38.93
C LEU C 17 9.52 -4.02 -39.72
N GLN C 18 9.91 -5.30 -39.48
CA GLN C 18 9.27 -6.45 -40.12
C GLN C 18 7.84 -6.63 -39.56
N GLN C 19 6.90 -7.11 -40.40
CA GLN C 19 5.52 -7.35 -39.98
C GLN C 19 5.46 -8.35 -38.82
N ASN C 20 6.26 -9.45 -38.91
CA ASN C 20 6.31 -10.49 -37.89
C ASN C 20 6.72 -9.94 -36.50
N LEU C 21 7.62 -8.91 -36.47
CA LEU C 21 8.05 -8.26 -35.23
C LEU C 21 6.94 -7.41 -34.62
N LEU C 22 6.16 -6.68 -35.46
CA LEU C 22 5.04 -5.87 -34.96
C LEU C 22 3.93 -6.78 -34.44
N ASP C 23 3.69 -7.90 -35.14
CA ASP C 23 2.70 -8.91 -34.78
C ASP C 23 3.06 -9.48 -33.40
N GLU C 24 4.33 -9.88 -33.19
CA GLU C 24 4.81 -10.42 -31.92
C GLU C 24 4.64 -9.40 -30.81
N LEU C 25 4.90 -8.12 -31.10
CA LEU C 25 4.74 -7.03 -30.15
C LEU C 25 3.25 -6.85 -29.76
N ASP C 26 2.34 -6.82 -30.77
CA ASP C 26 0.91 -6.65 -30.56
C ASP C 26 0.32 -7.83 -29.79
N ASN C 27 0.61 -9.07 -30.25
CA ASN C 27 0.15 -10.31 -29.63
C ASN C 27 0.67 -10.54 -28.21
N ARG C 28 2.00 -10.60 -28.02
CA ARG C 28 2.57 -10.87 -26.71
C ARG C 28 2.38 -9.73 -25.67
N ILE C 29 2.23 -8.45 -26.10
CA ILE C 29 2.16 -7.35 -25.12
C ILE C 29 0.92 -6.45 -25.18
N ILE C 30 0.66 -5.76 -26.31
CA ILE C 30 -0.45 -4.78 -26.40
C ILE C 30 -1.83 -5.45 -26.27
N LYS C 31 -1.95 -6.67 -26.82
CA LYS C 31 -3.19 -7.43 -26.80
C LYS C 31 -3.32 -8.28 -25.51
N ASN C 32 -2.24 -8.27 -24.68
CA ASN C 32 -2.18 -8.94 -23.38
C ASN C 32 -2.14 -7.93 -22.19
N GLY C 33 -2.96 -6.88 -22.29
CA GLY C 33 -3.13 -5.90 -21.22
C GLY C 33 -2.69 -4.46 -21.45
N TYR C 34 -1.63 -4.23 -22.24
CA TYR C 34 -1.10 -2.86 -22.45
C TYR C 34 -2.10 -1.93 -23.10
N SER C 35 -2.23 -0.71 -22.56
CA SER C 35 -3.17 0.29 -23.05
C SER C 35 -2.96 0.72 -24.51
N SER C 36 -1.68 1.00 -24.90
CA SER C 36 -1.32 1.44 -26.26
C SER C 36 0.12 1.07 -26.64
N ARG C 37 0.46 1.18 -27.93
CA ARG C 37 1.82 0.96 -28.47
C ARG C 37 2.71 2.13 -28.07
N SER C 38 2.12 3.34 -28.03
CA SER C 38 2.77 4.58 -27.64
C SER C 38 3.18 4.52 -26.18
N GLU C 39 2.28 3.99 -25.29
CA GLU C 39 2.62 3.86 -23.86
C GLU C 39 3.80 2.93 -23.65
N LEU C 40 3.88 1.84 -24.43
CA LEU C 40 4.99 0.90 -24.30
C LEU C 40 6.27 1.56 -24.71
N VAL C 41 6.23 2.28 -25.82
CA VAL C 41 7.41 2.98 -26.31
C VAL C 41 7.88 3.98 -25.27
N ARG C 42 6.93 4.76 -24.69
CA ARG C 42 7.21 5.73 -23.63
C ARG C 42 7.88 5.03 -22.43
N ASP C 43 7.30 3.91 -21.98
CA ASP C 43 7.79 3.10 -20.86
C ASP C 43 9.19 2.52 -21.12
N MET C 44 9.47 2.10 -22.37
CA MET C 44 10.77 1.60 -22.84
C MET C 44 11.81 2.73 -22.82
N ILE C 45 11.39 3.96 -23.16
CA ILE C 45 12.24 5.15 -23.15
C ILE C 45 12.58 5.45 -21.68
N ARG C 46 11.54 5.47 -20.80
CA ARG C 46 11.65 5.70 -19.35
C ARG C 46 12.57 4.65 -18.75
N GLU C 47 12.46 3.39 -19.18
CA GLU C 47 13.26 2.24 -18.76
C GLU C 47 14.75 2.56 -18.94
N LYS C 48 15.15 2.99 -20.16
CA LYS C 48 16.55 3.34 -20.50
C LYS C 48 17.01 4.61 -19.76
N LEU C 49 16.10 5.59 -19.63
CA LEU C 49 16.27 6.86 -18.93
C LEU C 49 16.65 6.61 -17.44
N VAL C 50 16.13 5.50 -16.84
CA VAL C 50 16.40 5.10 -15.44
C VAL C 50 17.80 4.49 -15.33
N GLU C 51 18.11 3.44 -16.14
CA GLU C 51 19.40 2.75 -16.12
C GLU C 51 20.59 3.68 -16.42
N ASP C 52 20.31 4.86 -17.00
CA ASP C 52 21.31 5.91 -17.26
C ASP C 52 21.68 6.58 -15.93
N ASN C 53 20.67 6.99 -15.13
CA ASN C 53 20.85 7.60 -13.81
C ASN C 53 21.66 6.69 -12.88
N TRP C 54 21.39 5.37 -12.95
CA TRP C 54 22.07 4.36 -12.14
C TRP C 54 23.48 4.07 -12.64
N ALA C 55 23.71 4.17 -13.96
CA ALA C 55 25.03 3.99 -14.57
C ALA C 55 25.92 5.19 -14.22
N GLU C 56 25.29 6.39 -14.03
CA GLU C 56 25.95 7.63 -13.63
C GLU C 56 26.21 7.54 -12.12
N ASP C 57 27.47 7.20 -11.77
CA ASP C 57 27.91 6.97 -10.39
C ASP C 57 28.30 8.27 -9.67
N ASN C 58 27.33 9.19 -9.52
CA ASN C 58 27.52 10.47 -8.84
C ASN C 58 27.02 10.38 -7.38
N PRO C 59 27.88 10.65 -6.36
CA PRO C 59 27.44 10.53 -4.96
C PRO C 59 26.58 11.70 -4.45
N ASN C 60 26.35 12.71 -5.31
CA ASN C 60 25.52 13.88 -5.00
C ASN C 60 24.04 13.51 -4.96
N ASP C 61 23.59 12.66 -5.91
CA ASP C 61 22.19 12.20 -6.02
C ASP C 61 21.82 11.06 -5.09
N GLU C 62 20.71 11.26 -4.33
CA GLU C 62 20.14 10.30 -3.38
C GLU C 62 18.64 10.02 -3.68
N SER C 63 18.08 10.67 -4.75
CA SER C 63 16.70 10.49 -5.25
C SER C 63 16.54 9.19 -6.09
N LYS C 64 17.61 8.35 -6.05
CA LYS C 64 17.72 7.03 -6.67
C LYS C 64 17.19 6.06 -5.61
N ILE C 65 15.90 5.71 -5.70
CA ILE C 65 15.21 4.79 -4.79
C ILE C 65 15.35 3.36 -5.37
N ALA C 66 15.48 2.37 -4.50
CA ALA C 66 15.60 0.97 -4.94
C ALA C 66 14.83 0.02 -4.04
N VAL C 67 14.47 -1.14 -4.60
CA VAL C 67 13.75 -2.17 -3.87
C VAL C 67 14.58 -3.43 -3.93
N LEU C 68 14.88 -4.02 -2.77
CA LEU C 68 15.62 -5.27 -2.71
C LEU C 68 14.67 -6.38 -2.31
N VAL C 69 14.49 -7.35 -3.20
CA VAL C 69 13.62 -8.50 -2.96
C VAL C 69 14.47 -9.69 -2.48
N VAL C 70 14.16 -10.20 -1.27
CA VAL C 70 14.91 -11.26 -0.61
C VAL C 70 14.04 -12.43 -0.15
N ILE C 71 14.51 -13.67 -0.39
CA ILE C 71 13.87 -14.90 0.07
C ILE C 71 14.86 -15.62 0.95
N TYR C 72 14.45 -15.96 2.18
CA TYR C 72 15.30 -16.65 3.15
C TYR C 72 14.55 -17.58 4.09
N ASP C 73 15.30 -18.47 4.78
CA ASP C 73 14.74 -19.38 5.78
C ASP C 73 14.96 -18.74 7.13
N HIS C 74 13.86 -18.42 7.82
CA HIS C 74 13.93 -17.78 9.14
C HIS C 74 14.55 -18.73 10.19
N HIS C 75 14.55 -20.06 9.90
CA HIS C 75 15.11 -21.09 10.78
C HIS C 75 16.63 -20.96 10.92
N GLN C 76 17.30 -20.40 9.90
CA GLN C 76 18.73 -20.14 9.89
C GLN C 76 19.06 -19.19 11.07
N ARG C 77 19.87 -19.71 12.02
CA ARG C 77 20.27 -19.03 13.25
C ARG C 77 21.01 -17.71 13.00
N GLU C 78 20.54 -16.64 13.67
CA GLU C 78 21.06 -15.26 13.62
C GLU C 78 20.87 -14.54 12.27
N LEU C 79 20.20 -15.18 11.27
CA LEU C 79 19.97 -14.59 9.95
C LEU C 79 19.12 -13.29 10.05
N ASN C 80 17.97 -13.35 10.75
CA ASN C 80 17.10 -12.19 10.91
C ASN C 80 17.80 -11.12 11.75
N GLN C 81 18.61 -11.58 12.73
CA GLN C 81 19.40 -10.76 13.63
C GLN C 81 20.40 -9.94 12.82
N ARG C 82 21.17 -10.62 11.95
CA ARG C 82 22.15 -9.97 11.12
C ARG C 82 21.52 -9.00 10.09
N MET C 83 20.42 -9.40 9.38
CA MET C 83 19.71 -8.56 8.38
C MET C 83 19.25 -7.22 8.92
N ILE C 84 18.59 -7.22 10.09
CA ILE C 84 18.10 -6.01 10.76
C ILE C 84 19.28 -5.16 11.23
N ASP C 85 20.38 -5.80 11.69
CA ASP C 85 21.61 -5.14 12.13
C ASP C 85 22.20 -4.36 10.97
N ILE C 86 22.34 -4.99 9.79
CA ILE C 86 22.86 -4.39 8.56
C ILE C 86 22.04 -3.17 8.18
N GLN C 87 20.71 -3.31 8.18
CA GLN C 87 19.78 -2.23 7.84
C GLN C 87 19.82 -1.06 8.81
N HIS C 88 19.93 -1.34 10.12
CA HIS C 88 20.01 -0.27 11.12
C HIS C 88 21.33 0.49 11.01
N ALA C 89 22.42 -0.25 10.74
CA ALA C 89 23.77 0.27 10.60
C ALA C 89 23.92 1.16 9.37
N SER C 90 23.21 0.79 8.29
CA SER C 90 23.24 1.40 6.98
C SER C 90 23.24 2.92 6.95
N GLY C 91 24.20 3.46 6.18
CA GLY C 91 24.37 4.87 5.90
C GLY C 91 23.26 5.35 4.98
N THR C 92 22.67 4.37 4.23
CA THR C 92 21.50 4.55 3.35
C THR C 92 20.24 4.65 4.21
N HIS C 93 19.23 5.31 3.66
CA HIS C 93 17.98 5.39 4.37
C HIS C 93 17.10 4.20 3.94
N VAL C 94 16.99 3.19 4.83
CA VAL C 94 16.09 2.05 4.67
C VAL C 94 14.72 2.63 5.08
N LEU C 95 13.84 2.83 4.08
CA LEU C 95 12.53 3.42 4.27
C LEU C 95 11.58 2.53 5.08
N CYS C 96 11.43 1.26 4.66
CA CYS C 96 10.61 0.24 5.31
C CYS C 96 10.88 -1.13 4.71
N THR C 97 10.35 -2.17 5.37
CA THR C 97 10.48 -3.55 4.92
C THR C 97 9.12 -4.26 5.07
N THR C 98 8.64 -4.87 3.97
CA THR C 98 7.40 -5.64 3.95
C THR C 98 7.76 -7.11 3.88
N HIS C 99 7.26 -7.88 4.84
CA HIS C 99 7.53 -9.30 5.01
C HIS C 99 6.32 -10.18 4.76
N ILE C 100 6.52 -11.27 4.01
CA ILE C 100 5.50 -12.29 3.72
C ILE C 100 6.02 -13.63 4.20
N HIS C 101 5.25 -14.29 5.06
CA HIS C 101 5.59 -15.62 5.57
C HIS C 101 5.01 -16.58 4.58
N MET C 102 5.86 -17.07 3.66
CA MET C 102 5.42 -17.95 2.58
C MET C 102 5.01 -19.33 3.09
N ASP C 103 5.94 -20.02 3.74
CA ASP C 103 5.74 -21.34 4.36
C ASP C 103 6.68 -21.43 5.59
N GLU C 104 6.81 -22.62 6.20
CA GLU C 104 7.65 -22.80 7.39
C GLU C 104 9.15 -22.48 7.13
N HIS C 105 9.64 -22.72 5.90
CA HIS C 105 11.06 -22.46 5.61
C HIS C 105 11.28 -21.33 4.59
N ASN C 106 10.26 -20.49 4.33
CA ASN C 106 10.40 -19.41 3.35
C ASN C 106 9.76 -18.09 3.80
N CYS C 107 10.53 -17.00 3.63
CA CYS C 107 10.19 -15.63 3.99
C CYS C 107 10.50 -14.69 2.85
N LEU C 108 9.56 -13.86 2.45
CA LEU C 108 9.82 -12.87 1.40
C LEU C 108 9.85 -11.49 2.03
N GLU C 109 10.85 -10.71 1.65
CA GLU C 109 10.99 -9.35 2.12
C GLU C 109 11.29 -8.41 1.00
N THR C 110 10.66 -7.24 1.04
CA THR C 110 10.91 -6.17 0.06
C THR C 110 11.46 -5.03 0.87
N ILE C 111 12.75 -4.73 0.68
CA ILE C 111 13.45 -3.68 1.43
C ILE C 111 13.57 -2.46 0.55
N ILE C 112 12.87 -1.38 0.91
CA ILE C 112 12.88 -0.14 0.16
C ILE C 112 13.99 0.75 0.68
N LEU C 113 14.97 1.08 -0.21
CA LEU C 113 16.19 1.85 0.05
C LEU C 113 16.31 3.14 -0.73
N GLN C 114 17.05 4.11 -0.13
CA GLN C 114 17.38 5.42 -0.71
C GLN C 114 18.85 5.75 -0.43
N GLY C 115 19.48 6.51 -1.32
CA GLY C 115 20.88 6.94 -1.14
C GLY C 115 21.85 6.75 -2.29
N ASN C 116 23.13 6.48 -1.93
CA ASN C 116 24.23 6.31 -2.87
C ASN C 116 24.30 4.93 -3.48
N SER C 117 24.39 4.89 -4.83
CA SER C 117 24.45 3.70 -5.68
C SER C 117 25.32 2.58 -5.08
N PHE C 118 26.56 2.93 -4.65
CA PHE C 118 27.55 2.01 -4.08
C PHE C 118 27.12 1.53 -2.71
N GLU C 119 26.56 2.45 -1.89
CA GLU C 119 26.08 2.17 -0.54
C GLU C 119 24.84 1.23 -0.57
N ILE C 120 23.99 1.39 -1.59
CA ILE C 120 22.79 0.58 -1.82
C ILE C 120 23.20 -0.80 -2.33
N GLN C 121 24.17 -0.86 -3.26
CA GLN C 121 24.67 -2.14 -3.80
C GLN C 121 25.44 -2.91 -2.72
N ARG C 122 25.98 -2.18 -1.72
CA ARG C 122 26.70 -2.71 -0.57
C ARG C 122 25.76 -3.58 0.24
N LEU C 123 24.51 -3.09 0.45
CA LEU C 123 23.44 -3.81 1.15
C LEU C 123 23.09 -5.04 0.36
N GLN C 124 22.82 -4.89 -0.96
CA GLN C 124 22.48 -6.03 -1.82
C GLN C 124 23.55 -7.14 -1.65
N LEU C 125 24.85 -6.73 -1.67
CA LEU C 125 26.04 -7.55 -1.52
C LEU C 125 26.13 -8.18 -0.13
N GLU C 126 25.89 -7.36 0.92
CA GLU C 126 25.94 -7.78 2.32
C GLU C 126 24.83 -8.79 2.60
N ILE C 127 23.55 -8.32 2.47
CA ILE C 127 22.34 -9.09 2.73
C ILE C 127 22.30 -10.36 1.87
N GLY C 128 22.54 -10.22 0.57
CA GLY C 128 22.54 -11.37 -0.35
C GLY C 128 23.62 -12.39 -0.07
N GLY C 129 24.73 -11.90 0.46
CA GLY C 129 25.88 -12.72 0.83
C GLY C 129 25.67 -13.64 2.00
N LEU C 130 24.71 -13.30 2.89
CA LEU C 130 24.38 -14.06 4.09
C LEU C 130 23.96 -15.49 3.85
N ARG C 131 24.37 -16.39 4.77
CA ARG C 131 24.05 -17.82 4.78
C ARG C 131 22.56 -17.95 5.09
N GLY C 132 21.83 -18.60 4.20
CA GLY C 132 20.38 -18.77 4.37
C GLY C 132 19.56 -17.88 3.45
N VAL C 133 20.17 -16.82 2.88
CA VAL C 133 19.51 -15.93 1.93
C VAL C 133 19.59 -16.63 0.58
N LYS C 134 18.48 -17.28 0.21
CA LYS C 134 18.30 -18.09 -0.99
C LYS C 134 18.16 -17.26 -2.28
N PHE C 135 17.63 -16.03 -2.19
CA PHE C 135 17.41 -15.15 -3.36
C PHE C 135 17.54 -13.69 -2.97
N ALA C 136 18.15 -12.87 -3.84
CA ALA C 136 18.30 -11.42 -3.62
C ALA C 136 18.44 -10.68 -4.93
N LYS C 137 17.39 -9.92 -5.31
CA LYS C 137 17.38 -9.17 -6.56
C LYS C 137 17.03 -7.71 -6.30
N LEU C 138 17.89 -6.81 -6.76
CA LEU C 138 17.70 -5.37 -6.64
C LEU C 138 17.01 -4.74 -7.84
N THR C 139 15.98 -3.94 -7.58
CA THR C 139 15.22 -3.18 -8.59
C THR C 139 15.62 -1.73 -8.45
N LYS C 140 16.53 -1.30 -9.36
CA LYS C 140 17.08 0.05 -9.44
C LYS C 140 15.99 0.94 -10.05
N ALA C 141 15.49 1.90 -9.29
CA ALA C 141 14.40 2.74 -9.76
C ALA C 141 14.69 4.22 -9.52
N SER C 142 13.71 5.11 -9.80
CA SER C 142 13.91 6.55 -9.62
C SER C 142 12.66 7.31 -9.92
N SER C 143 12.57 8.56 -9.42
CA SER C 143 11.46 9.46 -9.70
C SER C 143 11.55 9.98 -11.15
N PHE C 144 10.44 10.57 -11.63
CA PHE C 144 10.34 11.15 -12.98
C PHE C 144 9.65 12.51 -12.89
N GLU C 145 10.00 13.42 -13.80
CA GLU C 145 9.40 14.75 -13.88
C GLU C 145 7.97 14.71 -14.42
N TYR C 146 7.27 15.85 -14.35
N TYR C 146 7.21 15.82 -14.33
CA TYR C 146 5.91 16.12 -14.80
CA TYR C 146 5.82 15.85 -14.77
C TYR C 146 5.69 15.56 -16.23
C TYR C 146 5.64 15.53 -16.29
N ASN C 147 6.64 15.88 -17.13
CA ASN C 147 6.63 15.59 -18.57
C ASN C 147 7.37 14.29 -18.98
N GLU C 148 8.06 13.64 -18.03
CA GLU C 148 8.81 12.39 -18.29
C GLU C 148 7.90 11.14 -18.42
N LYS D 6 2.84 -10.05 -45.52
CA LYS D 6 3.89 -11.05 -45.47
C LYS D 6 4.57 -11.09 -44.09
N ASP D 7 5.42 -12.11 -43.85
CA ASP D 7 6.17 -12.28 -42.60
C ASP D 7 7.37 -11.31 -42.57
N ASP D 8 8.13 -11.23 -43.69
CA ASP D 8 9.33 -10.40 -43.83
C ASP D 8 9.09 -8.96 -44.28
N SER D 9 7.89 -8.66 -44.83
CA SER D 9 7.48 -7.32 -45.29
C SER D 9 7.85 -6.20 -44.30
N ILE D 10 8.35 -5.05 -44.80
CA ILE D 10 8.70 -3.90 -43.95
C ILE D 10 7.52 -2.95 -43.82
N ILE D 11 7.02 -2.82 -42.60
CA ILE D 11 5.87 -2.00 -42.22
C ILE D 11 6.31 -0.86 -41.27
N ARG D 12 5.43 0.15 -41.14
CA ARG D 12 5.59 1.31 -40.27
C ARG D 12 4.45 1.31 -39.23
N PHE D 13 4.70 1.96 -38.08
CA PHE D 13 3.72 2.21 -37.01
C PHE D 13 4.05 3.52 -36.33
N SER D 14 3.03 4.32 -36.02
CA SER D 14 3.24 5.62 -35.39
C SER D 14 3.09 5.59 -33.87
N VAL D 15 3.82 6.50 -33.19
CA VAL D 15 3.84 6.63 -31.73
C VAL D 15 3.63 8.11 -31.37
N SER D 16 2.64 8.41 -30.54
CA SER D 16 2.41 9.78 -30.05
C SER D 16 3.04 9.93 -28.65
N LEU D 17 3.90 10.95 -28.45
CA LEU D 17 4.59 11.20 -27.17
C LEU D 17 5.03 12.65 -26.98
N GLN D 18 5.59 12.97 -25.79
CA GLN D 18 6.15 14.29 -25.48
C GLN D 18 7.43 14.48 -26.28
N GLN D 19 7.70 15.74 -26.68
CA GLN D 19 8.92 16.09 -27.44
C GLN D 19 10.17 15.70 -26.65
N ASN D 20 10.14 15.99 -25.33
CA ASN D 20 11.15 15.70 -24.31
C ASN D 20 11.60 14.24 -24.37
N LEU D 21 10.64 13.33 -24.48
CA LEU D 21 10.89 11.89 -24.53
C LEU D 21 11.52 11.44 -25.84
N LEU D 22 11.09 12.02 -26.98
CA LEU D 22 11.65 11.68 -28.29
C LEU D 22 13.10 12.19 -28.37
N ASP D 23 13.35 13.39 -27.81
CA ASP D 23 14.67 14.01 -27.73
C ASP D 23 15.60 13.09 -26.99
N GLU D 24 15.17 12.61 -25.80
CA GLU D 24 15.90 11.68 -24.92
C GLU D 24 16.23 10.37 -25.63
N LEU D 25 15.29 9.91 -26.47
CA LEU D 25 15.42 8.69 -27.28
C LEU D 25 16.45 8.89 -28.37
N ASP D 26 16.31 10.00 -29.14
CA ASP D 26 17.22 10.38 -30.23
C ASP D 26 18.64 10.59 -29.71
N ASN D 27 18.77 11.16 -28.50
CA ASN D 27 20.03 11.40 -27.80
C ASN D 27 20.79 10.08 -27.57
N ARG D 28 20.07 8.94 -27.56
CA ARG D 28 20.62 7.61 -27.28
C ARG D 28 21.02 6.80 -28.52
N ILE D 29 20.55 7.19 -29.74
CA ILE D 29 20.82 6.46 -31.00
C ILE D 29 22.31 6.27 -31.30
N ILE D 30 23.02 7.39 -31.52
CA ILE D 30 24.43 7.45 -31.91
C ILE D 30 25.38 6.80 -30.90
N LYS D 31 25.39 7.30 -29.64
CA LYS D 31 26.29 6.88 -28.56
C LYS D 31 26.37 5.36 -28.32
N ASN D 32 25.24 4.64 -28.45
CA ASN D 32 25.19 3.18 -28.22
C ASN D 32 25.47 2.34 -29.49
N GLY D 33 26.03 2.98 -30.51
CA GLY D 33 26.40 2.34 -31.77
C GLY D 33 25.23 1.96 -32.66
N TYR D 34 24.23 2.86 -32.79
CA TYR D 34 23.06 2.65 -33.63
C TYR D 34 23.01 3.62 -34.80
N SER D 35 22.64 3.11 -35.97
CA SER D 35 22.53 3.89 -37.20
C SER D 35 21.19 4.60 -37.38
N SER D 36 20.08 3.92 -37.07
CA SER D 36 18.72 4.44 -37.24
C SER D 36 17.95 4.50 -35.91
N ARG D 37 16.87 5.32 -35.85
CA ARG D 37 16.00 5.42 -34.68
C ARG D 37 15.20 4.11 -34.61
N SER D 38 14.73 3.63 -35.77
CA SER D 38 13.98 2.38 -35.93
C SER D 38 14.79 1.18 -35.45
N GLU D 39 16.09 1.11 -35.83
CA GLU D 39 17.04 0.06 -35.45
C GLU D 39 17.11 -0.12 -33.94
N LEU D 40 17.12 1.02 -33.20
CA LEU D 40 17.14 1.11 -31.74
C LEU D 40 15.82 0.61 -31.15
N VAL D 41 14.68 1.18 -31.61
CA VAL D 41 13.30 0.87 -31.20
C VAL D 41 13.03 -0.62 -31.34
N ARG D 42 13.48 -1.23 -32.45
CA ARG D 42 13.38 -2.67 -32.70
C ARG D 42 14.06 -3.47 -31.58
N ASP D 43 15.32 -3.11 -31.24
CA ASP D 43 16.09 -3.74 -30.18
C ASP D 43 15.44 -3.60 -28.80
N MET D 44 14.80 -2.43 -28.53
CA MET D 44 14.07 -2.16 -27.29
C MET D 44 12.83 -3.05 -27.21
N ILE D 45 12.15 -3.28 -28.37
CA ILE D 45 10.97 -4.14 -28.50
C ILE D 45 11.42 -5.57 -28.22
N ARG D 46 12.50 -6.02 -28.88
CA ARG D 46 13.09 -7.35 -28.70
C ARG D 46 13.46 -7.56 -27.23
N GLU D 47 14.04 -6.53 -26.60
CA GLU D 47 14.45 -6.48 -25.19
C GLU D 47 13.24 -6.74 -24.29
N LYS D 48 12.12 -6.03 -24.54
CA LYS D 48 10.88 -6.17 -23.79
C LYS D 48 10.28 -7.56 -24.01
N LEU D 49 10.31 -8.05 -25.26
CA LEU D 49 9.82 -9.38 -25.64
C LEU D 49 10.56 -10.52 -24.94
N VAL D 50 11.83 -10.30 -24.57
CA VAL D 50 12.60 -11.31 -23.88
C VAL D 50 12.36 -11.25 -22.34
N GLU D 51 12.25 -10.02 -21.75
CA GLU D 51 12.03 -9.89 -20.30
C GLU D 51 10.59 -10.23 -19.90
N ASP D 52 9.62 -9.95 -20.80
CA ASP D 52 8.19 -10.22 -20.58
C ASP D 52 7.75 -11.58 -21.20
N ASN D 53 8.63 -12.59 -21.09
CA ASN D 53 8.38 -13.96 -21.54
C ASN D 53 8.01 -14.75 -20.28
N TRP D 54 6.80 -15.32 -20.26
CA TRP D 54 6.29 -16.03 -19.09
C TRP D 54 6.70 -17.53 -19.02
N ALA D 55 6.66 -18.28 -20.14
CA ALA D 55 7.09 -19.67 -20.13
C ALA D 55 8.65 -19.77 -20.11
N GLU D 56 9.22 -21.00 -20.23
CA GLU D 56 10.65 -21.36 -20.26
C GLU D 56 11.46 -21.02 -18.96
N ASP D 57 10.91 -20.20 -18.03
CA ASP D 57 11.59 -19.86 -16.77
C ASP D 57 11.61 -21.09 -15.85
N ASN D 58 10.43 -21.74 -15.71
CA ASN D 58 10.16 -22.95 -14.95
C ASN D 58 8.90 -23.63 -15.52
N PRO D 59 8.96 -24.95 -15.85
CA PRO D 59 7.77 -25.61 -16.45
C PRO D 59 6.59 -25.87 -15.51
N ASN D 60 5.44 -26.27 -16.11
CA ASN D 60 4.12 -26.60 -15.51
C ASN D 60 3.36 -25.37 -14.94
N ASP D 61 4.03 -24.18 -14.90
CA ASP D 61 3.52 -22.89 -14.42
C ASP D 61 2.77 -23.00 -13.08
N GLU D 62 3.44 -23.58 -12.07
CA GLU D 62 2.90 -23.72 -10.72
C GLU D 62 2.87 -22.33 -10.07
N SER D 63 1.90 -22.07 -9.17
CA SER D 63 1.78 -20.79 -8.49
C SER D 63 3.12 -20.38 -7.83
N LYS D 64 3.69 -19.27 -8.32
CA LYS D 64 4.94 -18.65 -7.90
C LYS D 64 4.63 -17.31 -7.22
N ILE D 65 5.61 -16.78 -6.48
CA ILE D 65 5.47 -15.47 -5.85
C ILE D 65 6.32 -14.44 -6.64
N ALA D 66 5.81 -13.22 -6.80
CA ALA D 66 6.52 -12.18 -7.51
C ALA D 66 6.24 -10.81 -6.90
N VAL D 67 7.16 -9.87 -7.15
CA VAL D 67 7.06 -8.52 -6.65
C VAL D 67 7.10 -7.59 -7.84
N LEU D 68 6.11 -6.71 -7.94
CA LEU D 68 6.05 -5.75 -9.00
C LEU D 68 6.33 -4.37 -8.43
N VAL D 69 7.44 -3.75 -8.88
CA VAL D 69 7.83 -2.42 -8.45
C VAL D 69 7.36 -1.40 -9.47
N VAL D 70 6.50 -0.47 -9.03
CA VAL D 70 5.93 0.55 -9.90
C VAL D 70 6.22 1.96 -9.41
N ILE D 71 6.27 2.91 -10.35
CA ILE D 71 6.42 4.35 -10.11
C ILE D 71 5.37 5.06 -10.95
N TYR D 72 4.53 5.89 -10.33
CA TYR D 72 3.48 6.61 -11.04
C TYR D 72 3.16 7.97 -10.43
N ASP D 73 2.46 8.81 -11.20
CA ASP D 73 2.00 10.12 -10.74
C ASP D 73 0.56 9.96 -10.29
N HIS D 74 0.33 10.19 -9.00
CA HIS D 74 -1.02 10.06 -8.42
C HIS D 74 -1.97 11.13 -8.96
N HIS D 75 -1.41 12.22 -9.54
CA HIS D 75 -2.20 13.31 -10.13
C HIS D 75 -2.95 12.87 -11.39
N GLN D 76 -2.43 11.84 -12.08
CA GLN D 76 -3.02 11.25 -13.28
C GLN D 76 -4.43 10.81 -12.96
N ARG D 77 -5.39 11.47 -13.63
CA ARG D 77 -6.83 11.30 -13.54
C ARG D 77 -7.22 9.84 -13.72
N GLU D 78 -7.96 9.31 -12.72
CA GLU D 78 -8.50 7.96 -12.64
C GLU D 78 -7.46 6.83 -12.70
N LEU D 79 -6.18 7.13 -12.39
CA LEU D 79 -5.11 6.12 -12.39
C LEU D 79 -5.16 5.18 -11.19
N ASN D 80 -5.33 5.76 -9.99
CA ASN D 80 -5.39 4.95 -8.78
C ASN D 80 -6.60 4.04 -8.82
N GLN D 81 -7.77 4.62 -9.20
CA GLN D 81 -9.03 3.88 -9.35
C GLN D 81 -8.85 2.69 -10.27
N ARG D 82 -8.09 2.87 -11.37
CA ARG D 82 -7.80 1.81 -12.32
C ARG D 82 -6.96 0.71 -11.70
N MET D 83 -5.85 1.09 -11.03
CA MET D 83 -4.90 0.18 -10.39
C MET D 83 -5.52 -0.68 -9.31
N ILE D 84 -6.28 -0.06 -8.40
CA ILE D 84 -6.95 -0.75 -7.30
C ILE D 84 -8.05 -1.68 -7.84
N ASP D 85 -8.76 -1.23 -8.91
CA ASP D 85 -9.82 -2.01 -9.58
C ASP D 85 -9.23 -3.29 -10.17
N ILE D 86 -8.08 -3.16 -10.88
CA ILE D 86 -7.34 -4.29 -11.47
C ILE D 86 -6.97 -5.29 -10.39
N GLN D 87 -6.38 -4.81 -9.30
CA GLN D 87 -5.95 -5.62 -8.17
C GLN D 87 -7.09 -6.30 -7.45
N HIS D 88 -8.24 -5.62 -7.27
CA HIS D 88 -9.40 -6.23 -6.61
C HIS D 88 -10.00 -7.32 -7.48
N ALA D 89 -10.02 -7.11 -8.80
CA ALA D 89 -10.49 -8.07 -9.79
C ALA D 89 -9.63 -9.38 -9.78
N SER D 90 -8.36 -9.21 -9.34
CA SER D 90 -7.32 -10.23 -9.28
C SER D 90 -7.26 -11.00 -7.97
N GLY D 91 -8.11 -10.65 -7.01
CA GLY D 91 -8.25 -11.33 -5.71
C GLY D 91 -6.98 -11.75 -5.00
N THR D 92 -6.89 -13.06 -4.61
CA THR D 92 -5.74 -13.66 -3.88
C THR D 92 -4.40 -13.54 -4.59
N HIS D 93 -4.43 -13.26 -5.90
CA HIS D 93 -3.21 -13.07 -6.66
C HIS D 93 -2.46 -11.83 -6.20
N VAL D 94 -3.13 -10.96 -5.42
CA VAL D 94 -2.49 -9.78 -4.89
C VAL D 94 -2.47 -9.90 -3.37
N LEU D 95 -1.29 -10.13 -2.80
CA LEU D 95 -1.15 -10.31 -1.37
C LEU D 95 -1.31 -8.98 -0.61
N CYS D 96 -0.56 -7.94 -1.02
CA CYS D 96 -0.57 -6.61 -0.43
C CYS D 96 0.20 -5.63 -1.31
N THR D 97 0.10 -4.33 -0.97
CA THR D 97 0.85 -3.25 -1.63
C THR D 97 1.44 -2.27 -0.60
N THR D 98 2.75 -2.01 -0.69
CA THR D 98 3.43 -1.03 0.15
C THR D 98 3.75 0.20 -0.69
N HIS D 99 3.26 1.34 -0.25
CA HIS D 99 3.35 2.60 -0.96
C HIS D 99 4.23 3.63 -0.26
N ILE D 100 5.06 4.33 -1.06
CA ILE D 100 5.95 5.42 -0.63
C ILE D 100 5.62 6.66 -1.46
N HIS D 101 5.25 7.77 -0.76
CA HIS D 101 4.95 9.04 -1.42
C HIS D 101 6.29 9.74 -1.55
N MET D 102 6.91 9.62 -2.74
CA MET D 102 8.24 10.16 -3.01
C MET D 102 8.28 11.68 -3.01
N ASP D 103 7.46 12.31 -3.88
CA ASP D 103 7.31 13.76 -4.00
C ASP D 103 5.89 14.03 -4.51
N GLU D 104 5.56 15.27 -4.87
CA GLU D 104 4.22 15.62 -5.33
C GLU D 104 3.78 14.86 -6.59
N HIS D 105 4.71 14.53 -7.50
CA HIS D 105 4.34 13.82 -8.73
C HIS D 105 4.90 12.38 -8.83
N ASN D 106 5.36 11.80 -7.70
CA ASN D 106 5.91 10.44 -7.71
C ASN D 106 5.48 9.57 -6.52
N CYS D 107 5.09 8.32 -6.83
CA CYS D 107 4.68 7.29 -5.89
C CYS D 107 5.39 5.99 -6.19
N LEU D 108 6.04 5.39 -5.19
CA LEU D 108 6.69 4.08 -5.31
C LEU D 108 5.73 3.06 -4.72
N GLU D 109 5.57 1.92 -5.37
CA GLU D 109 4.66 0.90 -4.88
C GLU D 109 5.15 -0.51 -5.20
N THR D 110 5.21 -1.37 -4.18
CA THR D 110 5.64 -2.76 -4.34
C THR D 110 4.40 -3.61 -4.19
N ILE D 111 3.99 -4.25 -5.31
CA ILE D 111 2.82 -5.10 -5.36
C ILE D 111 3.27 -6.57 -5.32
N ILE D 112 2.91 -7.26 -4.22
CA ILE D 112 3.29 -8.66 -4.03
C ILE D 112 2.19 -9.53 -4.58
N LEU D 113 2.55 -10.35 -5.59
CA LEU D 113 1.67 -11.23 -6.38
C LEU D 113 1.95 -12.73 -6.26
N GLN D 114 0.89 -13.52 -6.38
CA GLN D 114 0.84 -14.96 -6.31
C GLN D 114 0.13 -15.42 -7.57
N GLY D 115 0.68 -16.42 -8.24
CA GLY D 115 0.01 -16.95 -9.42
C GLY D 115 0.91 -17.67 -10.38
N ASN D 116 0.34 -18.09 -11.51
CA ASN D 116 1.15 -18.75 -12.52
C ASN D 116 1.79 -17.70 -13.43
N SER D 117 2.80 -18.12 -14.19
CA SER D 117 3.56 -17.32 -15.16
C SER D 117 2.65 -16.37 -16.01
N PHE D 118 1.49 -16.87 -16.53
CA PHE D 118 0.57 -16.02 -17.29
C PHE D 118 0.03 -14.92 -16.38
N GLU D 119 -0.67 -15.34 -15.31
CA GLU D 119 -1.31 -14.49 -14.33
C GLU D 119 -0.41 -13.34 -13.85
N ILE D 120 0.85 -13.65 -13.49
CA ILE D 120 1.79 -12.62 -13.05
C ILE D 120 2.11 -11.69 -14.22
N GLN D 121 2.53 -12.28 -15.38
CA GLN D 121 2.87 -11.54 -16.58
C GLN D 121 1.78 -10.54 -16.92
N ARG D 122 0.53 -11.04 -16.90
CA ARG D 122 -0.69 -10.32 -17.19
C ARG D 122 -0.84 -9.07 -16.32
N LEU D 123 -0.52 -9.20 -15.03
CA LEU D 123 -0.65 -8.10 -14.08
C LEU D 123 0.42 -7.07 -14.27
N GLN D 124 1.64 -7.51 -14.59
CA GLN D 124 2.74 -6.61 -14.88
C GLN D 124 2.34 -5.74 -16.09
N LEU D 125 1.82 -6.37 -17.15
CA LEU D 125 1.40 -5.70 -18.37
C LEU D 125 0.19 -4.82 -18.17
N GLU D 126 -0.86 -5.32 -17.49
CA GLU D 126 -2.10 -4.56 -17.24
C GLU D 126 -1.86 -3.30 -16.38
N ILE D 127 -1.08 -3.41 -15.29
CA ILE D 127 -0.73 -2.27 -14.44
C ILE D 127 0.33 -1.39 -15.10
N GLY D 128 1.40 -2.01 -15.60
CA GLY D 128 2.48 -1.29 -16.29
C GLY D 128 2.02 -0.58 -17.54
N GLY D 129 1.02 -1.15 -18.20
CA GLY D 129 0.42 -0.65 -19.44
C GLY D 129 -0.35 0.63 -19.28
N LEU D 130 -0.79 0.94 -18.05
CA LEU D 130 -1.59 2.12 -17.74
C LEU D 130 -0.87 3.43 -18.01
N ARG D 131 -1.60 4.44 -18.50
CA ARG D 131 -1.05 5.77 -18.76
C ARG D 131 -0.87 6.45 -17.41
N GLY D 132 0.34 6.90 -17.15
CA GLY D 132 0.71 7.50 -15.88
C GLY D 132 1.69 6.63 -15.10
N VAL D 133 1.71 5.31 -15.40
CA VAL D 133 2.63 4.36 -14.77
C VAL D 133 3.94 4.47 -15.53
N LYS D 134 4.86 5.26 -14.97
CA LYS D 134 6.15 5.61 -15.53
C LYS D 134 7.17 4.47 -15.50
N PHE D 135 7.07 3.56 -14.52
CA PHE D 135 8.02 2.45 -14.36
C PHE D 135 7.32 1.23 -13.77
N ALA D 136 7.68 0.03 -14.26
CA ALA D 136 7.14 -1.23 -13.79
C ALA D 136 8.11 -2.37 -14.05
N LYS D 137 8.70 -2.90 -12.99
CA LYS D 137 9.66 -4.00 -13.09
C LYS D 137 9.27 -5.14 -12.19
N LEU D 138 9.13 -6.33 -12.79
CA LEU D 138 8.74 -7.55 -12.09
C LEU D 138 9.93 -8.39 -11.63
N THR D 139 9.91 -8.80 -10.35
CA THR D 139 10.91 -9.68 -9.74
C THR D 139 10.26 -11.04 -9.48
N LYS D 140 10.69 -12.09 -10.18
CA LYS D 140 10.12 -13.44 -10.06
C LYS D 140 10.91 -14.37 -9.13
N ALA D 141 10.17 -15.09 -8.26
CA ALA D 141 10.66 -16.03 -7.25
C ALA D 141 9.91 -17.41 -7.35
N SER D 142 9.13 -17.85 -6.28
CA SER D 142 8.34 -19.12 -6.21
C SER D 142 7.46 -19.24 -4.92
N SER D 143 6.29 -19.95 -4.99
CA SER D 143 5.36 -20.15 -3.86
C SER D 143 4.50 -21.43 -4.01
#